data_6YLD
#
_entry.id   6YLD
#
_cell.length_a   34.297
_cell.length_b   40.859
_cell.length_c   56.721
_cell.angle_alpha   97.300
_cell.angle_beta   90.085
_cell.angle_gamma   101.088
#
_symmetry.space_group_name_H-M   'P 1'
#
loop_
_entity.id
_entity.type
_entity.pdbx_description
1 polymer 'Bcl-2-like protein 1'
2 polymer 'Bcl-2 homologous antagonist/killer'
3 non-polymer 1,2-ETHANEDIOL
4 non-polymer 'D(-)-TARTARIC ACID'
5 water water
#
loop_
_entity_poly.entity_id
_entity_poly.type
_entity_poly.pdbx_seq_one_letter_code
_entity_poly.pdbx_strand_id
1 'polypeptide(L)'
;GPLGSQFLVYKNIIKDYIQSRLFNEGLLDGPYRCDIKDVKTKKVSERLKEVGNELEGKFKDSFSNMCERLTITDTTAYPT
FVGVVNELFSTGINWGRIVAFIVFSSRLAIHFKRNGMPEYVKSVYGWVARYMHTKLSTWIEANRSWDGFLDHFD
;
A,C
2 'polypeptide(L)' PSSPTSEIGRHLAQLGDSYSVRFQNE B,D
#
# COMPACT_ATOMS: atom_id res chain seq x y z
N SER A 5 14.39 -8.81 -25.64
CA SER A 5 15.00 -7.50 -25.52
C SER A 5 14.41 -6.73 -24.34
N GLN A 6 13.88 -7.47 -23.38
CA GLN A 6 13.06 -6.88 -22.33
C GLN A 6 13.90 -6.15 -21.28
N PHE A 7 15.02 -6.74 -20.87
CA PHE A 7 15.93 -6.05 -19.96
C PHE A 7 16.33 -4.69 -20.52
N LEU A 8 16.57 -4.62 -21.83
CA LEU A 8 17.03 -3.38 -22.45
C LEU A 8 15.90 -2.35 -22.50
N VAL A 9 14.66 -2.77 -22.74
CA VAL A 9 13.54 -1.83 -22.70
C VAL A 9 13.47 -1.17 -21.34
N TYR A 10 13.53 -1.97 -20.28
CA TYR A 10 13.49 -1.42 -18.93
C TYR A 10 14.69 -0.49 -18.70
N LYS A 11 15.88 -0.90 -19.13
CA LYS A 11 17.05 -0.07 -18.92
C LYS A 11 16.90 1.28 -19.62
N ASN A 12 16.33 1.30 -20.83
CA ASN A 12 16.18 2.56 -21.53
C ASN A 12 15.13 3.45 -20.89
N ILE A 13 14.08 2.84 -20.31
CA ILE A 13 13.05 3.62 -19.63
C ILE A 13 13.62 4.28 -18.38
N ILE A 14 14.34 3.53 -17.55
CA ILE A 14 14.88 4.11 -16.33
C ILE A 14 15.99 5.11 -16.65
N LYS A 15 16.80 4.81 -17.67
CA LYS A 15 17.83 5.74 -18.10
C LYS A 15 17.22 7.06 -18.49
N ASP A 16 16.14 7.02 -19.29
CA ASP A 16 15.49 8.25 -19.69
C ASP A 16 14.93 8.99 -18.49
N TYR A 17 14.26 8.26 -17.58
CA TYR A 17 13.69 8.88 -16.40
C TYR A 17 14.75 9.61 -15.59
N ILE A 18 15.86 8.91 -15.31
CA ILE A 18 16.91 9.47 -14.45
C ILE A 18 17.66 10.60 -15.14
N GLN A 19 17.95 10.44 -16.43
CA GLN A 19 18.61 11.53 -17.15
C GLN A 19 17.77 12.81 -17.09
N SER A 20 16.46 12.68 -17.29
CA SER A 20 15.59 13.85 -17.23
C SER A 20 15.56 14.43 -15.82
N ARG A 21 15.51 13.57 -14.80
CA ARG A 21 15.46 14.03 -13.43
C ARG A 21 16.77 14.71 -13.01
N LEU A 22 17.91 14.13 -13.41
CA LEU A 22 19.18 14.78 -13.14
C LEU A 22 19.30 16.10 -13.87
N PHE A 23 18.84 16.15 -15.12
CA PHE A 23 18.86 17.42 -15.85
C PHE A 23 18.11 18.51 -15.09
N ASN A 24 16.88 18.21 -14.67
CA ASN A 24 16.06 19.19 -13.96
C ASN A 24 16.71 19.61 -12.64
N GLU A 25 17.50 18.73 -12.05
CA GLU A 25 18.15 18.99 -10.77
C GLU A 25 19.45 19.77 -10.91
N GLY A 26 19.88 20.06 -12.13
CA GLY A 26 21.14 20.72 -12.34
C GLY A 26 22.34 19.82 -12.17
N LEU A 27 22.14 18.51 -12.27
CA LEU A 27 23.20 17.55 -12.03
C LEU A 27 23.63 16.79 -13.27
N LEU A 28 22.97 16.98 -14.40
CA LEU A 28 23.28 16.18 -15.57
C LEU A 28 24.51 16.73 -16.27
N ASP A 29 25.52 15.89 -16.45
N ASP A 29 25.52 15.88 -16.43
CA ASP A 29 26.72 16.29 -17.19
CA ASP A 29 26.69 16.12 -17.25
C ASP A 29 26.40 16.24 -18.67
C ASP A 29 26.33 16.19 -18.72
N GLY A 30 26.09 17.40 -19.25
CA GLY A 30 25.76 17.52 -20.64
C GLY A 30 24.26 17.64 -20.83
N PRO A 31 23.81 17.65 -22.08
CA PRO A 31 22.41 17.92 -22.35
C PRO A 31 21.54 16.68 -22.17
N TYR A 32 20.29 16.93 -21.80
CA TYR A 32 19.29 15.87 -21.85
C TYR A 32 18.85 15.68 -23.29
N ARG A 33 18.85 14.43 -23.75
CA ARG A 33 18.27 14.09 -25.04
C ARG A 33 17.72 12.68 -24.95
N CYS A 34 16.48 12.49 -25.40
CA CYS A 34 15.85 11.19 -25.38
C CYS A 34 16.30 10.39 -26.60
N ASP A 35 16.78 9.17 -26.37
CA ASP A 35 17.30 8.31 -27.42
C ASP A 35 16.34 7.18 -27.78
N ILE A 36 15.10 7.23 -27.30
CA ILE A 36 14.15 6.15 -27.48
C ILE A 36 13.46 6.32 -28.82
N LYS A 37 13.65 5.35 -29.73
CA LYS A 37 13.08 5.43 -31.06
C LYS A 37 11.70 4.80 -31.16
N ASP A 38 11.45 3.75 -30.38
CA ASP A 38 10.12 3.15 -30.37
C ASP A 38 9.11 4.18 -29.88
N VAL A 39 8.16 4.53 -30.76
CA VAL A 39 7.16 5.53 -30.41
C VAL A 39 6.45 5.14 -29.13
N LYS A 40 6.10 3.86 -28.99
CA LYS A 40 5.33 3.46 -27.82
C LYS A 40 6.17 3.53 -26.55
N THR A 41 7.44 3.10 -26.63
CA THR A 41 8.30 3.20 -25.45
C THR A 41 8.48 4.66 -25.04
N LYS A 42 8.58 5.56 -26.02
CA LYS A 42 8.70 6.98 -25.71
C LYS A 42 7.45 7.49 -24.99
N LYS A 43 6.26 7.10 -25.46
CA LYS A 43 5.04 7.49 -24.79
C LYS A 43 5.00 6.97 -23.36
N VAL A 44 5.42 5.71 -23.17
CA VAL A 44 5.51 5.14 -21.83
C VAL A 44 6.45 5.99 -20.97
N SER A 45 7.64 6.29 -21.50
CA SER A 45 8.60 7.05 -20.72
C SER A 45 8.05 8.42 -20.37
N GLU A 46 7.41 9.10 -21.33
CA GLU A 46 6.90 10.43 -21.05
C GLU A 46 5.83 10.40 -19.97
N ARG A 47 4.94 9.41 -20.00
CA ARG A 47 3.93 9.31 -18.96
C ARG A 47 4.58 8.97 -17.62
N LEU A 48 5.58 8.09 -17.62
CA LEU A 48 6.22 7.72 -16.36
C LEU A 48 6.90 8.93 -15.73
N LYS A 49 7.55 9.76 -16.55
CA LYS A 49 8.13 10.99 -16.02
C LYS A 49 7.07 11.89 -15.42
N GLU A 50 5.90 11.97 -16.06
CA GLU A 50 4.83 12.82 -15.55
C GLU A 50 4.32 12.30 -14.22
N VAL A 51 4.01 11.01 -14.13
CA VAL A 51 3.45 10.50 -12.88
C VAL A 51 4.52 10.39 -11.80
N GLY A 52 5.76 10.08 -12.17
CA GLY A 52 6.82 10.07 -11.17
C GLY A 52 7.06 11.45 -10.59
N ASN A 53 7.08 12.47 -11.44
N ASN A 53 7.09 12.47 -11.44
CA ASN A 53 7.22 13.84 -10.95
CA ASN A 53 7.22 13.83 -10.94
C ASN A 53 6.07 14.21 -10.02
C ASN A 53 6.07 14.19 -10.00
N GLU A 54 4.85 13.75 -10.34
CA GLU A 54 3.70 14.08 -9.51
C GLU A 54 3.81 13.38 -8.17
N LEU A 55 4.15 12.09 -8.17
CA LEU A 55 4.33 11.35 -6.93
C LEU A 55 5.42 11.98 -6.08
N GLU A 56 6.57 12.27 -6.69
CA GLU A 56 7.66 12.87 -5.93
C GLU A 56 7.22 14.20 -5.32
N GLY A 57 6.51 15.04 -6.09
CA GLY A 57 6.10 16.33 -5.56
C GLY A 57 5.13 16.19 -4.40
N LYS A 58 4.23 15.21 -4.47
CA LYS A 58 3.26 14.98 -3.42
C LYS A 58 3.94 14.59 -2.11
N PHE A 59 5.09 13.94 -2.18
CA PHE A 59 5.83 13.46 -1.02
C PHE A 59 7.27 13.95 -1.08
N LYS A 60 7.43 15.23 -1.41
CA LYS A 60 8.75 15.77 -1.70
C LYS A 60 9.70 15.57 -0.53
N ASP A 61 9.26 15.95 0.68
CA ASP A 61 10.15 15.86 1.84
C ASP A 61 10.58 14.42 2.11
N SER A 62 9.64 13.48 2.04
CA SER A 62 10.00 12.08 2.25
C SER A 62 11.04 11.62 1.24
N PHE A 63 10.83 11.93 -0.03
CA PHE A 63 11.77 11.48 -1.05
C PHE A 63 13.10 12.22 -0.97
N SER A 64 13.10 13.46 -0.48
CA SER A 64 14.33 14.24 -0.44
C SER A 64 15.35 13.61 0.53
N ASN A 65 14.90 13.20 1.70
CA ASN A 65 15.79 12.75 2.77
C ASN A 65 15.91 11.23 2.83
N MET A 66 15.23 10.52 1.94
CA MET A 66 15.18 9.05 2.02
C MET A 66 16.56 8.43 2.00
N CYS A 67 17.39 8.85 1.04
CA CYS A 67 18.71 8.22 0.91
C CYS A 67 19.63 8.59 2.05
N GLU A 68 19.51 9.80 2.60
CA GLU A 68 20.31 10.16 3.77
C GLU A 68 20.01 9.24 4.94
N ARG A 69 18.75 8.83 5.11
CA ARG A 69 18.40 7.94 6.20
C ARG A 69 19.06 6.56 6.05
N LEU A 70 19.47 6.20 4.85
CA LEU A 70 19.96 4.86 4.58
C LEU A 70 21.47 4.72 4.73
N THR A 71 22.19 5.80 4.99
CA THR A 71 23.62 5.71 5.26
C THR A 71 24.33 4.92 4.16
N ILE A 72 24.18 5.41 2.94
CA ILE A 72 24.68 4.69 1.77
C ILE A 72 26.17 4.90 1.63
N THR A 73 26.87 3.81 1.31
CA THR A 73 28.28 3.84 0.94
C THR A 73 28.43 2.98 -0.29
N ASP A 74 29.65 2.96 -0.85
CA ASP A 74 29.86 2.20 -2.07
C ASP A 74 29.51 0.73 -1.85
N THR A 75 29.84 0.20 -0.67
CA THR A 75 29.68 -1.22 -0.40
C THR A 75 28.26 -1.59 0.00
N THR A 76 27.48 -0.65 0.55
CA THR A 76 26.11 -0.98 0.93
C THR A 76 25.07 -0.54 -0.09
N ALA A 77 25.48 0.14 -1.16
CA ALA A 77 24.51 0.75 -2.06
C ALA A 77 23.60 -0.29 -2.71
N TYR A 78 24.17 -1.29 -3.37
CA TYR A 78 23.30 -2.28 -3.98
C TYR A 78 22.52 -3.09 -2.96
N PRO A 79 23.13 -3.61 -1.88
CA PRO A 79 22.31 -4.34 -0.90
C PRO A 79 21.19 -3.50 -0.32
N THR A 80 21.41 -2.20 -0.13
CA THR A 80 20.35 -1.32 0.35
C THR A 80 19.25 -1.16 -0.69
N PHE A 81 19.62 -0.97 -1.95
CA PHE A 81 18.64 -0.94 -3.03
C PHE A 81 17.77 -2.19 -3.01
N VAL A 82 18.39 -3.37 -3.02
CA VAL A 82 17.61 -4.61 -3.03
C VAL A 82 16.74 -4.70 -1.78
N GLY A 83 17.30 -4.36 -0.63
CA GLY A 83 16.55 -4.50 0.61
C GLY A 83 15.33 -3.60 0.64
N VAL A 84 15.50 -2.34 0.24
CA VAL A 84 14.38 -1.41 0.22
C VAL A 84 13.32 -1.86 -0.76
N VAL A 85 13.75 -2.25 -1.97
CA VAL A 85 12.79 -2.57 -3.03
C VAL A 85 12.11 -3.89 -2.76
N ASN A 86 12.85 -4.89 -2.25
CA ASN A 86 12.19 -6.12 -1.81
C ASN A 86 11.12 -5.83 -0.77
N GLU A 87 11.41 -4.97 0.21
CA GLU A 87 10.40 -4.67 1.23
C GLU A 87 9.18 -4.02 0.60
N LEU A 88 9.41 -3.06 -0.29
CA LEU A 88 8.32 -2.37 -0.99
C LEU A 88 7.35 -3.34 -1.62
N PHE A 89 7.85 -4.32 -2.38
CA PHE A 89 6.98 -5.23 -3.11
C PHE A 89 6.58 -6.46 -2.32
N SER A 90 7.10 -6.62 -1.10
CA SER A 90 6.84 -7.83 -0.33
C SER A 90 5.36 -7.97 0.02
N THR A 91 4.64 -6.86 0.18
CA THR A 91 3.21 -6.90 0.48
C THR A 91 2.36 -6.60 -0.75
N GLY A 92 2.95 -6.67 -1.93
CA GLY A 92 2.19 -6.56 -3.17
C GLY A 92 2.88 -5.68 -4.20
N ILE A 93 2.53 -5.94 -5.46
CA ILE A 93 2.94 -5.10 -6.57
C ILE A 93 1.70 -4.42 -7.12
N ASN A 94 1.83 -3.14 -7.44
CA ASN A 94 0.83 -2.43 -8.23
C ASN A 94 1.56 -1.29 -8.94
N TRP A 95 0.82 -0.57 -9.77
CA TRP A 95 1.49 0.44 -10.60
C TRP A 95 1.95 1.62 -9.75
N GLY A 96 1.18 2.02 -8.74
CA GLY A 96 1.64 3.09 -7.86
C GLY A 96 2.96 2.76 -7.20
N ARG A 97 3.09 1.52 -6.71
CA ARG A 97 4.32 1.08 -6.07
C ARG A 97 5.47 1.01 -7.07
N ILE A 98 5.18 0.62 -8.31
CA ILE A 98 6.21 0.63 -9.33
C ILE A 98 6.70 2.04 -9.58
N VAL A 99 5.78 3.01 -9.60
CA VAL A 99 6.21 4.40 -9.76
C VAL A 99 7.06 4.83 -8.57
N ALA A 100 6.63 4.47 -7.35
CA ALA A 100 7.42 4.82 -6.17
C ALA A 100 8.82 4.21 -6.24
N PHE A 101 8.91 2.96 -6.72
CA PHE A 101 10.18 2.30 -6.96
C PHE A 101 11.04 3.12 -7.92
N ILE A 102 10.45 3.59 -9.02
CA ILE A 102 11.21 4.39 -9.99
C ILE A 102 11.66 5.71 -9.36
N VAL A 103 10.76 6.38 -8.64
CA VAL A 103 11.13 7.65 -7.99
C VAL A 103 12.27 7.42 -7.00
N PHE A 104 12.15 6.39 -6.15
CA PHE A 104 13.22 6.07 -5.21
C PHE A 104 14.53 5.87 -5.96
N SER A 105 14.49 5.11 -7.04
CA SER A 105 15.71 4.85 -7.81
C SER A 105 16.31 6.15 -8.34
N SER A 106 15.46 7.08 -8.78
CA SER A 106 15.97 8.37 -9.25
C SER A 106 16.58 9.17 -8.09
N ARG A 107 15.98 9.09 -6.90
CA ARG A 107 16.57 9.77 -5.75
C ARG A 107 17.93 9.17 -5.39
N LEU A 108 18.05 7.85 -5.51
CA LEU A 108 19.35 7.21 -5.33
C LEU A 108 20.38 7.82 -6.28
N ALA A 109 20.01 7.95 -7.55
CA ALA A 109 20.93 8.52 -8.53
C ALA A 109 21.29 9.95 -8.18
N ILE A 110 20.31 10.75 -7.74
CA ILE A 110 20.62 12.11 -7.29
C ILE A 110 21.58 12.08 -6.11
N HIS A 111 21.31 11.21 -5.14
CA HIS A 111 22.20 11.09 -3.99
C HIS A 111 23.61 10.77 -4.44
N PHE A 112 23.75 9.85 -5.39
CA PHE A 112 25.06 9.44 -5.87
C PHE A 112 25.79 10.60 -6.54
N LYS A 113 25.09 11.36 -7.38
CA LYS A 113 25.71 12.50 -8.05
C LYS A 113 26.15 13.55 -7.04
N ARG A 114 25.35 13.76 -5.99
CA ARG A 114 25.60 14.88 -5.10
C ARG A 114 26.59 14.55 -3.99
N ASN A 115 26.68 13.27 -3.60
CA ASN A 115 27.41 12.85 -2.42
C ASN A 115 28.63 12.01 -2.79
N GLY A 116 29.23 12.34 -3.93
CA GLY A 116 30.51 11.78 -4.30
C GLY A 116 30.50 10.31 -4.66
N MET A 117 29.43 9.83 -5.30
CA MET A 117 29.40 8.49 -5.86
C MET A 117 28.87 8.57 -7.29
N PRO A 118 29.32 9.54 -8.09
CA PRO A 118 28.66 9.76 -9.38
C PRO A 118 28.76 8.59 -10.33
N GLU A 119 29.82 7.78 -10.23
CA GLU A 119 29.99 6.64 -11.10
C GLU A 119 28.87 5.61 -10.90
N TYR A 120 28.23 5.61 -9.73
CA TYR A 120 27.16 4.66 -9.46
C TYR A 120 25.85 5.00 -10.13
N VAL A 121 25.71 6.20 -10.72
CA VAL A 121 24.48 6.52 -11.42
C VAL A 121 24.18 5.49 -12.50
N LYS A 122 25.18 5.17 -13.34
CA LYS A 122 24.95 4.18 -14.38
C LYS A 122 24.62 2.82 -13.79
N SER A 123 25.09 2.53 -12.58
CA SER A 123 24.74 1.26 -11.96
C SER A 123 23.25 1.19 -11.65
N VAL A 124 22.65 2.33 -11.29
CA VAL A 124 21.22 2.32 -11.00
C VAL A 124 20.43 1.80 -12.18
N TYR A 125 20.84 2.18 -13.41
CA TYR A 125 20.09 1.74 -14.58
C TYR A 125 20.05 0.21 -14.64
N GLY A 126 21.21 -0.42 -14.44
CA GLY A 126 21.25 -1.87 -14.49
C GLY A 126 20.55 -2.52 -13.31
N TRP A 127 20.64 -1.91 -12.14
CA TRP A 127 19.96 -2.48 -10.98
C TRP A 127 18.46 -2.49 -11.18
N VAL A 128 17.92 -1.39 -11.69
CA VAL A 128 16.48 -1.29 -11.91
C VAL A 128 16.04 -2.22 -13.03
N ALA A 129 16.78 -2.22 -14.14
CA ALA A 129 16.41 -3.09 -15.24
C ALA A 129 16.42 -4.55 -14.80
N ARG A 130 17.44 -4.96 -14.04
CA ARG A 130 17.50 -6.33 -13.55
C ARG A 130 16.36 -6.64 -12.59
N TYR A 131 16.05 -5.71 -11.69
CA TYR A 131 14.96 -5.93 -10.76
C TYR A 131 13.64 -6.08 -11.53
N MET A 132 13.39 -5.20 -12.49
CA MET A 132 12.16 -5.31 -13.27
C MET A 132 12.13 -6.61 -14.06
N HIS A 133 13.27 -7.01 -14.61
CA HIS A 133 13.33 -8.17 -15.48
C HIS A 133 13.13 -9.47 -14.71
N THR A 134 13.69 -9.53 -13.49
CA THR A 134 13.61 -10.76 -12.71
C THR A 134 12.38 -10.82 -11.82
N LYS A 135 12.09 -9.74 -11.10
CA LYS A 135 11.06 -9.81 -10.07
C LYS A 135 9.72 -9.19 -10.45
N LEU A 136 9.68 -8.29 -11.42
CA LEU A 136 8.43 -7.63 -11.77
C LEU A 136 7.90 -8.01 -13.14
N SER A 137 8.69 -8.72 -13.94
CA SER A 137 8.32 -8.99 -15.33
C SER A 137 7.04 -9.82 -15.41
N THR A 138 6.93 -10.88 -14.59
CA THR A 138 5.73 -11.71 -14.63
C THR A 138 4.51 -10.89 -14.28
N TRP A 139 4.61 -10.11 -13.19
CA TRP A 139 3.50 -9.23 -12.81
C TRP A 139 3.17 -8.26 -13.93
N ILE A 140 4.18 -7.60 -14.51
CA ILE A 140 3.93 -6.58 -15.52
C ILE A 140 3.17 -7.17 -16.69
N GLU A 141 3.62 -8.32 -17.18
CA GLU A 141 2.96 -8.95 -18.33
C GLU A 141 1.60 -9.50 -17.95
N ALA A 142 1.41 -9.93 -16.70
CA ALA A 142 0.09 -10.39 -16.28
C ALA A 142 -0.88 -9.25 -16.12
N ASN A 143 -0.39 -8.01 -16.05
CA ASN A 143 -1.22 -6.82 -15.90
C ASN A 143 -1.22 -5.97 -17.16
N ARG A 144 -1.08 -6.64 -18.32
CA ARG A 144 -1.18 -6.05 -19.65
C ARG A 144 -0.04 -5.09 -19.95
N SER A 145 1.07 -5.24 -19.25
CA SER A 145 2.33 -4.59 -19.59
C SER A 145 2.10 -3.08 -19.60
N TRP A 146 2.77 -2.34 -20.49
CA TRP A 146 2.73 -0.89 -20.43
C TRP A 146 1.37 -0.33 -20.85
N ASP A 147 0.60 -1.08 -21.63
CA ASP A 147 -0.76 -0.64 -21.91
C ASP A 147 -1.60 -0.61 -20.64
N GLY A 148 -1.37 -1.58 -19.75
CA GLY A 148 -2.03 -1.55 -18.45
C GLY A 148 -1.57 -0.38 -17.59
N PHE A 149 -0.27 -0.08 -17.63
CA PHE A 149 0.26 1.10 -16.94
C PHE A 149 -0.42 2.37 -17.44
N LEU A 150 -0.46 2.55 -18.76
CA LEU A 150 -1.05 3.77 -19.32
C LEU A 150 -2.54 3.86 -19.00
N ASP A 151 -3.25 2.74 -19.10
CA ASP A 151 -4.66 2.72 -18.70
C ASP A 151 -4.81 3.14 -17.25
N HIS A 152 -3.96 2.62 -16.36
CA HIS A 152 -4.13 2.86 -14.94
C HIS A 152 -4.08 4.35 -14.63
N PHE A 153 -3.21 5.08 -15.32
CA PHE A 153 -2.97 6.49 -15.03
C PHE A 153 -3.72 7.43 -15.95
N ASP A 154 -4.64 6.91 -16.77
CA ASP A 154 -5.47 7.76 -17.62
C ASP A 154 -6.43 8.56 -16.76
N SER B 2 11.85 -2.99 11.27
CA SER B 2 12.46 -2.09 12.24
C SER B 2 13.70 -1.41 11.65
N SER B 3 14.26 -2.04 10.62
CA SER B 3 15.42 -1.48 9.95
C SER B 3 15.04 -0.22 9.18
N PRO B 4 15.98 0.70 8.96
CA PRO B 4 15.69 1.82 8.03
C PRO B 4 15.38 1.33 6.63
N THR B 5 16.02 0.25 6.19
CA THR B 5 15.69 -0.34 4.89
C THR B 5 14.23 -0.81 4.85
N SER B 6 13.80 -1.55 5.88
CA SER B 6 12.43 -2.03 5.90
C SER B 6 11.46 -0.88 6.16
N GLU B 7 11.87 0.10 6.97
CA GLU B 7 11.04 1.27 7.21
C GLU B 7 10.77 2.02 5.92
N ILE B 8 11.83 2.23 5.11
CA ILE B 8 11.69 3.02 3.89
C ILE B 8 10.94 2.25 2.82
N GLY B 9 11.15 0.94 2.72
CA GLY B 9 10.37 0.15 1.78
C GLY B 9 8.89 0.16 2.09
N ARG B 10 8.53 0.00 3.37
CA ARG B 10 7.13 0.04 3.77
C ARG B 10 6.54 1.42 3.48
N HIS B 11 7.32 2.47 3.73
CA HIS B 11 6.89 3.83 3.44
C HIS B 11 6.60 3.99 1.95
N LEU B 12 7.52 3.53 1.10
CA LEU B 12 7.33 3.63 -0.33
C LEU B 12 6.07 2.89 -0.79
N ALA B 13 5.79 1.73 -0.18
CA ALA B 13 4.58 1.00 -0.52
C ALA B 13 3.35 1.85 -0.24
N GLN B 14 3.31 2.52 0.92
CA GLN B 14 2.15 3.35 1.22
CA GLN B 14 2.16 3.35 1.22
C GLN B 14 2.10 4.56 0.29
N LEU B 15 3.25 5.15 -0.04
CA LEU B 15 3.24 6.27 -0.98
C LEU B 15 2.64 5.85 -2.32
N GLY B 16 3.03 4.66 -2.80
CA GLY B 16 2.54 4.22 -4.09
C GLY B 16 1.06 3.90 -4.06
N ASP B 17 0.62 3.21 -2.99
CA ASP B 17 -0.79 2.94 -2.79
C ASP B 17 -1.58 4.25 -2.76
N SER B 18 -1.14 5.19 -1.93
CA SER B 18 -1.84 6.46 -1.80
C SER B 18 -1.94 7.16 -3.14
N TYR B 19 -0.82 7.22 -3.86
CA TYR B 19 -0.80 7.90 -5.16
C TYR B 19 -1.81 7.29 -6.12
N SER B 20 -2.07 5.98 -6.01
CA SER B 20 -2.91 5.31 -6.98
C SER B 20 -4.38 5.67 -6.84
N VAL B 21 -4.79 6.15 -5.67
CA VAL B 21 -6.22 6.34 -5.40
C VAL B 21 -6.86 7.30 -6.40
N ARG B 22 -6.22 8.46 -6.63
CA ARG B 22 -6.72 9.48 -7.53
C ARG B 22 -7.24 8.90 -8.85
N PHE B 23 -6.48 7.95 -9.40
CA PHE B 23 -6.66 7.48 -10.76
C PHE B 23 -7.77 6.46 -10.92
N GLN B 24 -8.31 5.94 -9.81
CA GLN B 24 -9.54 5.18 -9.83
C GLN B 24 -10.72 5.98 -9.30
N ASN B 25 -10.47 7.23 -8.89
CA ASN B 25 -11.52 8.12 -8.42
C ASN B 25 -12.15 8.83 -9.62
N LEU C 3 -2.49 10.22 22.95
CA LEU C 3 -1.13 10.32 23.49
C LEU C 3 -0.13 9.72 22.53
N GLY C 4 0.14 10.45 21.47
CA GLY C 4 1.07 10.01 20.44
C GLY C 4 0.38 9.16 19.38
N SER C 5 1.14 8.87 18.33
CA SER C 5 0.60 8.08 17.23
C SER C 5 0.08 6.74 17.74
N GLN C 6 -1.17 6.45 17.41
CA GLN C 6 -1.79 5.16 17.69
C GLN C 6 -1.77 4.25 16.46
N PHE C 7 -1.02 4.63 15.43
CA PHE C 7 -0.93 3.82 14.21
C PHE C 7 -0.55 2.38 14.54
N LEU C 8 0.49 2.18 15.35
CA LEU C 8 0.91 0.80 15.61
C LEU C 8 -0.08 0.05 16.48
N VAL C 9 -0.76 0.75 17.39
CA VAL C 9 -1.83 0.10 18.17
C VAL C 9 -2.91 -0.42 17.24
N TYR C 10 -3.37 0.44 16.33
CA TYR C 10 -4.36 0.02 15.35
C TYR C 10 -3.85 -1.15 14.52
N LYS C 11 -2.59 -1.08 14.08
CA LYS C 11 -2.03 -2.16 13.27
C LYS C 11 -2.03 -3.47 14.04
N ASN C 12 -1.66 -3.43 15.32
CA ASN C 12 -1.65 -4.64 16.13
C ASN C 12 -3.05 -5.22 16.27
N ILE C 13 -4.05 -4.35 16.42
CA ILE C 13 -5.42 -4.82 16.61
C ILE C 13 -5.93 -5.49 15.34
N ILE C 14 -5.74 -4.84 14.18
CA ILE C 14 -6.27 -5.43 12.95
C ILE C 14 -5.49 -6.69 12.57
N LYS C 15 -4.17 -6.69 12.80
CA LYS C 15 -3.39 -7.90 12.54
C LYS C 15 -3.92 -9.06 13.37
N ASP C 16 -4.17 -8.83 14.65
CA ASP C 16 -4.68 -9.91 15.49
C ASP C 16 -6.04 -10.37 15.01
N TYR C 17 -6.92 -9.43 14.66
CA TYR C 17 -8.24 -9.79 14.17
C TYR C 17 -8.13 -10.66 12.92
N ILE C 18 -7.34 -10.23 11.95
CA ILE C 18 -7.27 -10.92 10.67
C ILE C 18 -6.55 -12.26 10.81
N GLN C 19 -5.47 -12.31 11.60
CA GLN C 19 -4.81 -13.59 11.83
C GLN C 19 -5.80 -14.62 12.40
N SER C 20 -6.59 -14.20 13.38
CA SER C 20 -7.54 -15.12 13.99
C SER C 20 -8.60 -15.55 12.98
N ARG C 21 -9.08 -14.62 12.15
CA ARG C 21 -10.10 -14.94 11.16
C ARG C 21 -9.54 -15.86 10.09
N LEU C 22 -8.32 -15.59 9.62
CA LEU C 22 -7.71 -16.46 8.63
C LEU C 22 -7.50 -17.86 9.21
N PHE C 23 -7.08 -17.94 10.47
CA PHE C 23 -6.91 -19.24 11.09
C PHE C 23 -8.21 -20.03 11.06
N ASN C 24 -9.31 -19.40 11.49
CA ASN C 24 -10.59 -20.10 11.52
CA ASN C 24 -10.59 -20.10 11.53
C ASN C 24 -11.03 -20.53 10.13
N GLU C 25 -10.69 -19.76 9.11
CA GLU C 25 -11.03 -20.08 7.73
C GLU C 25 -10.15 -21.17 7.13
N GLY C 26 -9.15 -21.65 7.86
CA GLY C 26 -8.22 -22.62 7.33
C GLY C 26 -7.20 -22.04 6.38
N LEU C 27 -7.05 -20.72 6.35
CA LEU C 27 -6.19 -20.05 5.39
C LEU C 27 -4.91 -19.48 5.99
N LEU C 28 -4.70 -19.61 7.29
CA LEU C 28 -3.50 -19.05 7.89
C LEU C 28 -2.33 -19.98 7.64
N ASP C 29 -1.20 -19.43 7.22
CA ASP C 29 0.04 -20.20 7.13
C ASP C 29 0.63 -20.26 8.52
N GLY C 30 0.45 -21.40 9.19
CA GLY C 30 1.00 -21.58 10.51
C GLY C 30 0.02 -21.23 11.60
N PRO C 31 0.49 -21.25 12.84
CA PRO C 31 -0.44 -21.19 13.97
C PRO C 31 -0.90 -19.77 14.27
N TYR C 32 -2.13 -19.67 14.75
CA TYR C 32 -2.61 -18.41 15.29
C TYR C 32 -2.04 -18.23 16.70
N ARG C 33 -1.37 -17.11 16.93
CA ARG C 33 -0.91 -16.74 18.25
C ARG C 33 -1.11 -15.24 18.38
N CYS C 34 -1.62 -14.81 19.53
CA CYS C 34 -1.70 -13.39 19.80
C CYS C 34 -0.29 -12.82 19.90
N ASP C 35 -0.04 -11.74 19.17
CA ASP C 35 1.24 -11.04 19.20
C ASP C 35 1.15 -9.74 19.97
N ILE C 36 0.01 -9.44 20.60
CA ILE C 36 -0.20 -8.20 21.31
C ILE C 36 0.35 -8.35 22.72
N LYS C 37 1.31 -7.51 23.07
CA LYS C 37 1.96 -7.61 24.37
C LYS C 37 1.16 -6.92 25.47
N ASP C 38 0.53 -5.79 25.13
CA ASP C 38 -0.14 -4.96 26.13
C ASP C 38 -1.45 -5.61 26.55
N VAL C 39 -1.64 -5.72 27.87
CA VAL C 39 -2.84 -6.38 28.40
C VAL C 39 -4.11 -5.67 27.93
N LYS C 40 -4.14 -4.33 28.02
CA LYS C 40 -5.34 -3.61 27.63
C LYS C 40 -5.63 -3.80 26.14
N THR C 41 -4.60 -3.66 25.31
CA THR C 41 -4.81 -3.82 23.87
C THR C 41 -5.27 -5.23 23.54
N LYS C 42 -4.75 -6.23 24.24
CA LYS C 42 -5.22 -7.59 24.02
C LYS C 42 -6.69 -7.73 24.38
N LYS C 43 -7.09 -7.15 25.51
CA LYS C 43 -8.49 -7.17 25.91
C LYS C 43 -9.38 -6.51 24.87
N VAL C 44 -8.95 -5.37 24.33
CA VAL C 44 -9.72 -4.71 23.28
C VAL C 44 -9.84 -5.62 22.07
N SER C 45 -8.72 -6.22 21.66
CA SER C 45 -8.73 -7.09 20.48
C SER C 45 -9.65 -8.29 20.69
N GLU C 46 -9.63 -8.87 21.88
CA GLU C 46 -10.49 -10.03 22.14
C GLU C 46 -11.95 -9.66 22.06
N ARG C 47 -12.31 -8.47 22.55
CA ARG C 47 -13.70 -8.05 22.43
C ARG C 47 -14.05 -7.75 20.97
N LEU C 48 -13.13 -7.13 20.23
CA LEU C 48 -13.39 -6.85 18.83
C LEU C 48 -13.58 -8.11 18.02
N LYS C 49 -12.77 -9.15 18.30
CA LYS C 49 -12.96 -10.42 17.62
C LYS C 49 -14.33 -11.01 17.92
N GLU C 50 -14.80 -10.87 19.18
CA GLU C 50 -16.11 -11.39 19.53
C GLU C 50 -17.21 -10.64 18.81
N VAL C 51 -17.21 -9.31 18.86
CA VAL C 51 -18.31 -8.57 18.27
C VAL C 51 -18.24 -8.63 16.74
N GLY C 52 -17.01 -8.61 16.19
CA GLY C 52 -16.88 -8.76 14.75
C GLY C 52 -17.38 -10.10 14.26
N ASN C 53 -17.08 -11.17 15.00
CA ASN C 53 -17.62 -12.48 14.66
CA ASN C 53 -17.62 -12.48 14.65
C ASN C 53 -19.15 -12.48 14.75
N GLU C 54 -19.70 -11.80 15.76
CA GLU C 54 -21.15 -11.74 15.89
C GLU C 54 -21.76 -10.97 14.72
N LEU C 55 -21.17 -9.84 14.37
CA LEU C 55 -21.67 -9.05 13.24
C LEU C 55 -21.59 -9.85 11.95
N GLU C 56 -20.43 -10.48 11.69
CA GLU C 56 -20.30 -11.23 10.45
C GLU C 56 -21.31 -12.36 10.37
N GLY C 57 -21.49 -13.10 11.48
CA GLY C 57 -22.44 -14.20 11.46
C GLY C 57 -23.86 -13.73 11.23
N LYS C 58 -24.20 -12.56 11.76
CA LYS C 58 -25.56 -12.03 11.59
C LYS C 58 -25.85 -11.69 10.14
N PHE C 59 -24.82 -11.30 9.37
CA PHE C 59 -24.97 -10.92 7.97
C PHE C 59 -24.01 -11.72 7.12
N LYS C 60 -23.97 -13.03 7.37
CA LYS C 60 -22.96 -13.91 6.78
C LYS C 60 -22.97 -13.81 5.26
N ASP C 61 -24.15 -13.89 4.64
CA ASP C 61 -24.22 -13.89 3.19
C ASP C 61 -23.72 -12.58 2.60
N SER C 62 -24.12 -11.45 3.17
CA SER C 62 -23.66 -10.16 2.65
C SER C 62 -22.14 -10.07 2.69
N PHE C 63 -21.54 -10.44 3.83
CA PHE C 63 -20.11 -10.32 3.96
C PHE C 63 -19.36 -11.32 3.10
N SER C 64 -19.98 -12.45 2.78
CA SER C 64 -19.28 -13.46 1.99
C SER C 64 -19.16 -13.10 0.52
N ASN C 65 -20.13 -12.38 -0.02
CA ASN C 65 -20.13 -12.04 -1.44
CA ASN C 65 -20.14 -12.04 -1.43
C ASN C 65 -19.70 -10.61 -1.71
N MET C 66 -19.41 -9.83 -0.65
CA MET C 66 -19.03 -8.43 -0.82
C MET C 66 -17.85 -8.27 -1.75
N CYS C 67 -16.75 -8.95 -1.47
CA CYS C 67 -15.53 -8.70 -2.24
C CYS C 67 -15.68 -9.12 -3.70
N GLU C 68 -16.44 -10.18 -3.97
CA GLU C 68 -16.68 -10.55 -5.36
C GLU C 68 -17.30 -9.41 -6.14
N ARG C 69 -18.22 -8.67 -5.51
CA ARG C 69 -18.91 -7.58 -6.18
C ARG C 69 -17.97 -6.43 -6.54
N LEU C 70 -16.78 -6.38 -5.95
CA LEU C 70 -15.88 -5.25 -6.11
C LEU C 70 -14.82 -5.44 -7.18
N THR C 71 -14.74 -6.60 -7.80
CA THR C 71 -13.80 -6.87 -8.90
C THR C 71 -12.38 -6.40 -8.55
N ILE C 72 -11.84 -7.06 -7.55
CA ILE C 72 -10.56 -6.68 -6.97
C ILE C 72 -9.42 -7.25 -7.81
N THR C 73 -8.43 -6.41 -8.06
CA THR C 73 -7.19 -6.83 -8.69
C THR C 73 -6.06 -6.17 -7.92
N ASP C 74 -4.82 -6.54 -8.28
CA ASP C 74 -3.67 -5.97 -7.57
C ASP C 74 -3.69 -4.45 -7.64
N THR C 75 -4.08 -3.91 -8.80
CA THR C 75 -4.02 -2.47 -9.01
C THR C 75 -5.23 -1.74 -8.47
N THR C 76 -6.37 -2.40 -8.31
CA THR C 76 -7.57 -1.73 -7.82
C THR C 76 -7.82 -1.98 -6.34
N ALA C 77 -7.04 -2.84 -5.70
CA ALA C 77 -7.34 -3.26 -4.33
C ALA C 77 -7.39 -2.07 -3.38
N TYR C 78 -6.29 -1.31 -3.29
CA TYR C 78 -6.29 -0.22 -2.31
C TYR C 78 -7.29 0.86 -2.66
N PRO C 79 -7.37 1.36 -3.90
CA PRO C 79 -8.40 2.36 -4.20
C PRO C 79 -9.80 1.86 -3.87
N THR C 80 -10.07 0.58 -4.08
CA THR C 80 -11.37 0.02 -3.73
C THR C 80 -11.59 0.02 -2.23
N PHE C 81 -10.58 -0.38 -1.47
CA PHE C 81 -10.66 -0.27 -0.01
C PHE C 81 -11.01 1.14 0.41
N VAL C 82 -10.26 2.14 -0.07
CA VAL C 82 -10.53 3.52 0.32
C VAL C 82 -11.94 3.93 -0.10
N GLY C 83 -12.34 3.58 -1.31
CA GLY C 83 -13.66 3.98 -1.79
C GLY C 83 -14.78 3.41 -0.94
N VAL C 84 -14.69 2.12 -0.61
CA VAL C 84 -15.73 1.49 0.22
C VAL C 84 -15.77 2.13 1.59
N VAL C 85 -14.61 2.26 2.23
CA VAL C 85 -14.58 2.70 3.61
C VAL C 85 -14.93 4.18 3.71
N ASN C 86 -14.48 4.98 2.74
CA ASN C 86 -14.92 6.37 2.71
C ASN C 86 -16.44 6.46 2.63
N GLU C 87 -17.06 5.64 1.78
CA GLU C 87 -18.52 5.67 1.66
C GLU C 87 -19.17 5.28 2.99
N LEU C 88 -18.68 4.20 3.59
CA LEU C 88 -19.16 3.76 4.90
C LEU C 88 -19.23 4.89 5.91
N PHE C 89 -18.15 5.65 6.06
CA PHE C 89 -18.11 6.67 7.11
C PHE C 89 -18.59 8.03 6.64
N SER C 90 -18.91 8.18 5.36
CA SER C 90 -19.32 9.47 4.82
C SER C 90 -20.57 10.00 5.51
N THR C 91 -21.46 9.11 5.95
CA THR C 91 -22.70 9.50 6.61
C THR C 91 -22.65 9.29 8.12
N GLY C 92 -21.45 9.12 8.68
CA GLY C 92 -21.27 9.09 10.11
C GLY C 92 -20.33 7.99 10.54
N ILE C 93 -19.73 8.19 11.73
CA ILE C 93 -18.93 7.18 12.41
C ILE C 93 -19.69 6.75 13.67
N ASN C 94 -19.69 5.45 13.94
CA ASN C 94 -20.08 4.95 15.25
C ASN C 94 -19.37 3.61 15.44
N TRP C 95 -19.54 3.02 16.63
CA TRP C 95 -18.79 1.80 16.91
C TRP C 95 -19.27 0.64 16.04
N GLY C 96 -20.58 0.55 15.78
CA GLY C 96 -21.06 -0.51 14.92
C GLY C 96 -20.48 -0.43 13.52
N ARG C 97 -20.40 0.77 12.98
CA ARG C 97 -19.78 0.97 11.67
C ARG C 97 -18.28 0.67 11.70
N ILE C 98 -17.61 0.95 12.81
CA ILE C 98 -16.20 0.59 12.92
C ILE C 98 -16.04 -0.92 12.93
N VAL C 99 -16.93 -1.64 13.62
CA VAL C 99 -16.85 -3.10 13.59
C VAL C 99 -17.08 -3.60 12.17
N ALA C 100 -18.07 -3.04 11.47
CA ALA C 100 -18.33 -3.43 10.09
C ALA C 100 -17.13 -3.19 9.19
N PHE C 101 -16.43 -2.06 9.40
CA PHE C 101 -15.19 -1.78 8.69
C PHE C 101 -14.14 -2.84 8.94
N ILE C 102 -13.97 -3.26 10.20
CA ILE C 102 -13.02 -4.31 10.53
C ILE C 102 -13.42 -5.63 9.88
N VAL C 103 -14.71 -5.99 9.97
CA VAL C 103 -15.16 -7.23 9.35
C VAL C 103 -14.89 -7.20 7.84
N PHE C 104 -15.24 -6.08 7.18
CA PHE C 104 -14.97 -5.94 5.75
C PHE C 104 -13.49 -6.14 5.46
N SER C 105 -12.63 -5.51 6.25
CA SER C 105 -11.20 -5.61 6.02
C SER C 105 -10.74 -7.06 6.14
N SER C 106 -11.29 -7.81 7.10
CA SER C 106 -10.94 -9.22 7.21
C SER C 106 -11.42 -10.02 6.01
N ARG C 107 -12.59 -9.65 5.47
CA ARG C 107 -13.08 -10.33 4.27
C ARG C 107 -12.21 -10.03 3.07
N LEU C 108 -11.66 -8.81 2.99
CA LEU C 108 -10.70 -8.50 1.94
C LEU C 108 -9.47 -9.40 2.07
N ALA C 109 -9.00 -9.59 3.31
CA ALA C 109 -7.84 -10.44 3.53
C ALA C 109 -8.13 -11.88 3.12
N ILE C 110 -9.33 -12.38 3.46
CA ILE C 110 -9.71 -13.73 3.05
C ILE C 110 -9.73 -13.82 1.53
N HIS C 111 -10.33 -12.81 0.88
CA HIS C 111 -10.35 -12.78 -0.58
C HIS C 111 -8.94 -12.86 -1.14
N PHE C 112 -8.01 -12.08 -0.58
CA PHE C 112 -6.65 -12.07 -1.07
C PHE C 112 -6.01 -13.45 -0.98
N LYS C 113 -6.18 -14.12 0.16
CA LYS C 113 -5.62 -15.46 0.31
C LYS C 113 -6.21 -16.43 -0.71
N ARG C 114 -7.49 -16.28 -1.04
CA ARG C 114 -8.18 -17.25 -1.87
C ARG C 114 -8.09 -16.96 -3.35
N ASN C 115 -7.68 -15.77 -3.74
CA ASN C 115 -7.70 -15.34 -5.12
C ASN C 115 -6.31 -14.98 -5.62
N GLY C 116 -5.30 -15.65 -5.09
CA GLY C 116 -3.96 -15.47 -5.61
C GLY C 116 -3.34 -14.13 -5.31
N MET C 117 -3.74 -13.50 -4.19
CA MET C 117 -3.11 -12.27 -3.75
C MET C 117 -2.63 -12.37 -2.31
N PRO C 118 -2.01 -13.47 -1.90
CA PRO C 118 -1.73 -13.63 -0.46
C PRO C 118 -0.79 -12.58 0.10
N GLU C 119 0.12 -12.06 -0.72
CA GLU C 119 1.06 -11.03 -0.26
C GLU C 119 0.34 -9.77 0.17
N TYR C 120 -0.87 -9.54 -0.31
CA TYR C 120 -1.60 -8.32 0.05
C TYR C 120 -2.25 -8.39 1.43
N VAL C 121 -2.31 -9.56 2.07
CA VAL C 121 -2.85 -9.63 3.43
C VAL C 121 -2.12 -8.66 4.35
N LYS C 122 -0.78 -8.68 4.33
CA LYS C 122 -0.03 -7.76 5.17
C LYS C 122 -0.33 -6.31 4.83
N SER C 123 -0.67 -6.02 3.56
CA SER C 123 -1.01 -4.64 3.21
C SER C 123 -2.29 -4.19 3.87
N VAL C 124 -3.23 -5.10 4.09
CA VAL C 124 -4.47 -4.72 4.75
C VAL C 124 -4.18 -4.15 6.13
N TYR C 125 -3.23 -4.73 6.85
CA TYR C 125 -2.91 -4.20 8.18
C TYR C 125 -2.54 -2.72 8.09
N GLY C 126 -1.67 -2.37 7.15
CA GLY C 126 -1.23 -1.00 7.03
C GLY C 126 -2.34 -0.09 6.52
N TRP C 127 -3.16 -0.60 5.61
CA TRP C 127 -4.25 0.21 5.08
C TRP C 127 -5.24 0.55 6.18
N VAL C 128 -5.56 -0.43 7.02
CA VAL C 128 -6.51 -0.22 8.11
C VAL C 128 -5.92 0.72 9.15
N ALA C 129 -4.67 0.47 9.55
CA ALA C 129 -4.04 1.32 10.54
C ALA C 129 -3.97 2.75 10.05
N ARG C 130 -3.62 2.94 8.78
CA ARG C 130 -3.56 4.28 8.22
C ARG C 130 -4.94 4.92 8.18
N TYR C 131 -5.95 4.16 7.77
CA TYR C 131 -7.29 4.71 7.71
C TYR C 131 -7.75 5.14 9.09
N MET C 132 -7.52 4.28 10.09
CA MET C 132 -7.90 4.62 11.46
C MET C 132 -7.12 5.82 11.97
N HIS C 133 -5.81 5.85 11.67
CA HIS C 133 -4.94 6.93 12.15
C HIS C 133 -5.36 8.26 11.57
N THR C 134 -5.62 8.30 10.26
CA THR C 134 -5.90 9.56 9.60
C THR C 134 -7.36 9.99 9.78
N LYS C 135 -8.30 9.05 9.71
CA LYS C 135 -9.71 9.43 9.61
C LYS C 135 -10.58 9.08 10.80
N LEU C 136 -10.14 8.18 11.67
CA LEU C 136 -10.98 7.75 12.78
C LEU C 136 -10.44 8.07 14.16
N SER C 137 -9.16 8.44 14.29
CA SER C 137 -8.56 8.56 15.61
C SER C 137 -9.17 9.73 16.39
N THR C 138 -9.45 10.85 15.75
CA THR C 138 -10.09 11.94 16.46
C THR C 138 -11.44 11.50 17.01
N TRP C 139 -12.23 10.85 16.16
CA TRP C 139 -13.53 10.34 16.61
C TRP C 139 -13.35 9.38 17.77
N ILE C 140 -12.43 8.42 17.63
CA ILE C 140 -12.24 7.42 18.68
C ILE C 140 -11.94 8.08 20.01
N GLU C 141 -11.00 9.02 20.02
CA GLU C 141 -10.63 9.66 21.26
C GLU C 141 -11.68 10.64 21.75
N ALA C 142 -12.58 11.10 20.87
CA ALA C 142 -13.68 11.94 21.33
C ALA C 142 -14.81 11.11 21.91
N ASN C 143 -14.74 9.79 21.80
CA ASN C 143 -15.80 8.89 22.26
C ASN C 143 -15.26 7.91 23.30
N ARG C 144 -14.38 8.42 24.16
CA ARG C 144 -13.80 7.69 25.28
C ARG C 144 -12.89 6.55 24.84
N SER C 145 -12.40 6.62 23.60
CA SER C 145 -11.36 5.70 23.14
C SER C 145 -11.86 4.27 23.22
N TRP C 146 -10.95 3.31 23.45
CA TRP C 146 -11.35 1.91 23.46
C TRP C 146 -12.17 1.56 24.69
N ASP C 147 -12.06 2.36 25.75
CA ASP C 147 -12.97 2.15 26.88
C ASP C 147 -14.41 2.45 26.48
N GLY C 148 -14.61 3.45 25.62
CA GLY C 148 -15.95 3.71 25.12
C GLY C 148 -16.46 2.58 24.25
N PHE C 149 -15.56 1.98 23.47
CA PHE C 149 -15.91 0.82 22.66
C PHE C 149 -16.35 -0.34 23.53
N LEU C 150 -15.55 -0.66 24.55
CA LEU C 150 -15.89 -1.77 25.43
C LEU C 150 -17.21 -1.50 26.15
N ASP C 151 -17.37 -0.29 26.68
CA ASP C 151 -18.61 0.05 27.34
C ASP C 151 -19.79 -0.09 26.39
N HIS C 152 -19.63 0.34 25.14
CA HIS C 152 -20.74 0.32 24.19
C HIS C 152 -21.26 -1.09 23.98
N PHE C 153 -20.38 -2.08 23.98
CA PHE C 153 -20.75 -3.46 23.70
C PHE C 153 -20.90 -4.31 24.95
N ASP C 154 -20.91 -3.71 26.14
CA ASP C 154 -21.01 -4.49 27.37
C ASP C 154 -22.45 -4.87 27.71
N SER D 3 -19.87 3.01 -8.41
CA SER D 3 -21.12 2.51 -7.85
C SER D 3 -20.94 1.26 -7.00
N PRO D 4 -20.10 0.31 -7.44
CA PRO D 4 -19.85 -0.85 -6.57
C PRO D 4 -19.35 -0.43 -5.19
N THR D 5 -18.33 0.44 -5.14
CA THR D 5 -17.81 0.88 -3.85
C THR D 5 -18.90 1.59 -3.05
N SER D 6 -19.67 2.45 -3.71
CA SER D 6 -20.72 3.18 -3.02
C SER D 6 -21.78 2.22 -2.48
N GLU D 7 -22.20 1.25 -3.30
CA GLU D 7 -23.21 0.28 -2.88
C GLU D 7 -22.73 -0.51 -1.66
N ILE D 8 -21.51 -1.04 -1.72
CA ILE D 8 -21.01 -1.84 -0.61
C ILE D 8 -20.80 -0.97 0.62
N GLY D 9 -20.31 0.26 0.43
CA GLY D 9 -20.07 1.12 1.59
C GLY D 9 -21.34 1.49 2.32
N ARG D 10 -22.40 1.82 1.58
CA ARG D 10 -23.64 2.14 2.28
C ARG D 10 -24.19 0.89 2.96
N HIS D 11 -24.07 -0.27 2.30
CA HIS D 11 -24.54 -1.50 2.94
C HIS D 11 -23.83 -1.72 4.26
N LEU D 12 -22.49 -1.56 4.27
CA LEU D 12 -21.74 -1.70 5.50
C LEU D 12 -22.23 -0.75 6.57
N ALA D 13 -22.55 0.50 6.19
CA ALA D 13 -23.03 1.46 7.17
C ALA D 13 -24.33 0.97 7.81
N GLN D 14 -25.23 0.41 7.02
CA GLN D 14 -26.47 -0.10 7.60
C GLN D 14 -26.21 -1.32 8.47
N LEU D 15 -25.30 -2.21 8.06
CA LEU D 15 -25.00 -3.37 8.89
C LEU D 15 -24.47 -2.95 10.24
N GLY D 16 -23.57 -1.96 10.26
CA GLY D 16 -23.03 -1.48 11.52
C GLY D 16 -24.08 -0.79 12.37
N ASP D 17 -24.89 0.06 11.76
CA ASP D 17 -25.98 0.70 12.49
C ASP D 17 -26.89 -0.35 13.11
N SER D 18 -27.34 -1.30 12.28
CA SER D 18 -28.25 -2.34 12.75
C SER D 18 -27.63 -3.10 13.91
N TYR D 19 -26.36 -3.49 13.75
CA TYR D 19 -25.69 -4.26 14.80
C TYR D 19 -25.68 -3.53 16.14
N SER D 20 -25.59 -2.20 16.12
CA SER D 20 -25.43 -1.43 17.36
C SER D 20 -26.70 -1.41 18.21
N VAL D 21 -27.85 -1.80 17.67
CA VAL D 21 -29.11 -1.53 18.34
C VAL D 21 -29.23 -2.29 19.67
N ARG D 22 -29.03 -3.61 19.66
CA ARG D 22 -29.42 -4.28 20.90
C ARG D 22 -28.45 -4.01 22.07
N PHE D 23 -27.33 -3.32 21.84
CA PHE D 23 -26.43 -2.93 22.91
C PHE D 23 -26.94 -1.64 23.56
#